data_6KJM
#
_entry.id   6KJM
#
_cell.length_a   95.728
_cell.length_b   95.728
_cell.length_c   201.347
_cell.angle_alpha   90.000
_cell.angle_beta   90.000
_cell.angle_gamma   120.000
#
_symmetry.space_group_name_H-M   'P 61 2 2'
#
loop_
_entity.id
_entity.type
_entity.pdbx_description
1 polymer 'DNA ligase A'
2 non-polymer 'BETA-NICOTINAMIDE RIBOSE MONOPHOSPHATE'
3 non-polymer 'ADENOSINE MONOPHOSPHATE'
4 non-polymer 'SULFATE ION'
5 water water
#
_entity_poly.entity_id   1
_entity_poly.type   'polypeptide(L)'
_entity_poly.pdbx_seq_one_letter_code
;MSSPDADQTAPEVLRQWQALAEEVREHQFRYYVRDAPIISDAEFDELLRRLEALEEQHPELRTPDSPTQLVGGAGFATDF
EPVDHLERMLSLDNAFTADELAAWAGRIHAEVGDAAHYLCELKIDGVALSLVYREGRLTRASTRGDGRTGEDVTLNARTI
ADVPERLTPGDDYPVPEVLEVRGEVFFRLDDFQALNASLVEEGKAPFANPRNSAAGSLRQKDPAVTARRRLRMICHGLGH
VEGFRPATLHQAYLALRAWGLPVSEHTTLATDLAGVRERIDYWGEHRHEVDHEIDGVVVKVDEVALQRRLGSTSRAPRWA
IAYKYPPEHHHHHH
;
_entity_poly.pdbx_strand_id   A
#
loop_
_chem_comp.id
_chem_comp.type
_chem_comp.name
_chem_comp.formula
AMP non-polymer 'ADENOSINE MONOPHOSPHATE' 'C10 H14 N5 O7 P'
NMN non-polymer 'BETA-NICOTINAMIDE RIBOSE MONOPHOSPHATE' 'C11 H16 N2 O8 P 1'
SO4 non-polymer 'SULFATE ION' 'O4 S -2'
#
# COMPACT_ATOMS: atom_id res chain seq x y z
N GLN A 8 -18.33 32.50 11.67
CA GLN A 8 -18.71 31.20 11.14
C GLN A 8 -19.70 31.20 9.93
N THR A 9 -19.43 30.41 8.89
CA THR A 9 -20.33 30.28 7.74
C THR A 9 -21.45 29.32 8.12
N ALA A 10 -22.63 29.44 7.55
CA ALA A 10 -23.77 28.57 7.89
C ALA A 10 -23.47 27.13 7.62
N PRO A 11 -23.87 26.21 8.51
CA PRO A 11 -23.51 24.81 8.38
C PRO A 11 -23.79 24.14 7.06
N GLU A 12 -24.95 24.35 6.47
CA GLU A 12 -25.26 23.73 5.18
C GLU A 12 -24.32 24.26 4.10
N VAL A 13 -23.97 25.54 4.18
CA VAL A 13 -23.10 26.14 3.23
C VAL A 13 -21.73 25.50 3.27
N LEU A 14 -21.19 25.39 4.46
CA LEU A 14 -19.93 24.77 4.67
C LEU A 14 -19.95 23.31 4.24
N ARG A 15 -21.01 22.59 4.50
CA ARG A 15 -21.11 21.21 4.13
C ARG A 15 -21.09 21.04 2.61
N GLN A 16 -21.86 21.85 1.95
CA GLN A 16 -21.95 21.85 0.53
C GLN A 16 -20.65 22.23 -0.11
N TRP A 17 -19.98 23.23 0.38
CA TRP A 17 -18.72 23.60 -0.16
C TRP A 17 -17.72 22.47 -0.04
N GLN A 18 -17.56 21.91 1.14
CA GLN A 18 -16.63 20.83 1.34
C GLN A 18 -16.85 19.67 0.43
N ALA A 19 -18.07 19.24 0.32
CA ALA A 19 -18.39 18.16 -0.51
C ALA A 19 -18.11 18.46 -1.95
N LEU A 20 -18.49 19.63 -2.42
CA LEU A 20 -18.27 19.99 -3.77
C LEU A 20 -16.82 20.19 -4.11
N ALA A 21 -16.05 20.80 -3.24
CA ALA A 21 -14.68 20.99 -3.47
C ALA A 21 -13.93 19.67 -3.53
N GLU A 22 -14.24 18.75 -2.67
CA GLU A 22 -13.59 17.45 -2.69
C GLU A 22 -13.87 16.68 -3.97
N GLU A 23 -15.12 16.71 -4.42
CA GLU A 23 -15.50 16.03 -5.63
C GLU A 23 -14.79 16.65 -6.84
N VAL A 24 -14.70 17.96 -6.84
CA VAL A 24 -14.07 18.67 -7.90
C VAL A 24 -12.56 18.40 -7.92
N ARG A 25 -11.91 18.45 -6.80
CA ARG A 25 -10.50 18.22 -6.71
C ARG A 25 -10.14 16.81 -7.16
N GLU A 26 -10.95 15.83 -6.80
CA GLU A 26 -10.79 14.48 -7.20
C GLU A 26 -10.85 14.32 -8.71
N HIS A 27 -11.70 15.03 -9.39
CA HIS A 27 -11.78 14.91 -10.82
C HIS A 27 -10.66 15.62 -11.47
N GLN A 28 -10.20 16.70 -10.87
CA GLN A 28 -9.06 17.43 -11.35
C GLN A 28 -7.85 16.48 -11.32
N PHE A 29 -7.72 15.75 -10.22
CA PHE A 29 -6.62 14.82 -10.05
C PHE A 29 -6.73 13.67 -11.05
N ARG A 30 -7.93 13.11 -11.19
CA ARG A 30 -8.11 12.04 -12.10
C ARG A 30 -7.83 12.44 -13.58
N TYR A 31 -8.21 13.65 -13.94
CA TYR A 31 -8.02 14.13 -15.31
C TYR A 31 -6.57 14.53 -15.57
N TYR A 32 -6.05 15.44 -14.77
CA TYR A 32 -4.72 15.90 -14.96
C TYR A 32 -3.59 14.96 -14.58
N VAL A 33 -3.59 14.40 -13.40
CA VAL A 33 -2.55 13.53 -13.01
C VAL A 33 -2.64 12.15 -13.63
N ARG A 34 -3.75 11.48 -13.51
CA ARG A 34 -3.86 10.16 -14.03
C ARG A 34 -4.22 10.02 -15.49
N ASP A 35 -4.66 11.08 -16.14
CA ASP A 35 -5.16 11.05 -17.52
C ASP A 35 -6.24 10.01 -17.64
N ALA A 36 -7.09 9.91 -16.64
CA ALA A 36 -8.10 8.93 -16.57
C ALA A 36 -9.35 9.44 -15.92
N PRO A 37 -10.08 10.33 -16.57
CA PRO A 37 -11.30 10.82 -15.93
C PRO A 37 -12.37 9.78 -15.72
N ILE A 38 -13.23 10.02 -14.77
CA ILE A 38 -14.31 9.10 -14.50
C ILE A 38 -15.72 9.63 -14.66
N ILE A 39 -15.84 10.86 -15.09
CA ILE A 39 -17.06 11.53 -15.44
C ILE A 39 -16.75 12.32 -16.70
N SER A 40 -17.76 12.68 -17.43
CA SER A 40 -17.55 13.44 -18.60
C SER A 40 -17.10 14.84 -18.37
N ASP A 41 -16.59 15.41 -19.44
CA ASP A 41 -16.14 16.76 -19.46
C ASP A 41 -17.32 17.68 -19.20
N ALA A 42 -18.49 17.30 -19.63
CA ALA A 42 -19.63 18.13 -19.41
C ALA A 42 -20.06 18.08 -17.97
N GLU A 43 -20.04 16.90 -17.41
CA GLU A 43 -20.40 16.72 -16.02
C GLU A 43 -19.44 17.51 -15.18
N PHE A 44 -18.16 17.43 -15.45
CA PHE A 44 -17.20 18.15 -14.65
C PHE A 44 -17.39 19.62 -14.72
N ASP A 45 -17.77 20.14 -15.86
CA ASP A 45 -17.93 21.55 -16.04
C ASP A 45 -19.07 22.16 -15.23
N GLU A 46 -20.14 21.44 -15.09
CA GLU A 46 -21.26 21.89 -14.32
C GLU A 46 -20.86 21.90 -12.85
N LEU A 47 -20.16 20.89 -12.42
CA LEU A 47 -19.65 20.80 -11.10
C LEU A 47 -18.80 22.00 -10.74
N LEU A 48 -17.90 22.39 -11.60
CA LEU A 48 -17.05 23.49 -11.30
C LEU A 48 -17.80 24.80 -11.34
N ARG A 49 -18.76 24.88 -12.24
CA ARG A 49 -19.57 26.08 -12.39
C ARG A 49 -20.30 26.30 -11.08
N ARG A 50 -20.85 25.22 -10.54
CA ARG A 50 -21.57 25.28 -9.28
C ARG A 50 -20.71 25.67 -8.13
N LEU A 51 -19.45 25.25 -8.11
CA LEU A 51 -18.56 25.58 -7.04
C LEU A 51 -18.21 27.00 -7.12
N GLU A 52 -18.07 27.49 -8.31
CA GLU A 52 -17.76 28.88 -8.51
C GLU A 52 -18.93 29.74 -8.07
N ALA A 53 -20.15 29.32 -8.30
CA ALA A 53 -21.28 30.10 -7.92
C ALA A 53 -21.37 30.19 -6.44
N LEU A 54 -21.16 29.09 -5.75
CA LEU A 54 -21.23 29.06 -4.34
C LEU A 54 -20.21 29.94 -3.72
N GLU A 55 -19.06 30.05 -4.32
CA GLU A 55 -18.00 30.87 -3.81
C GLU A 55 -18.24 32.37 -4.00
N GLU A 56 -18.99 32.72 -5.01
CA GLU A 56 -19.29 34.11 -5.26
C GLU A 56 -20.26 34.55 -4.21
N GLN A 57 -21.21 33.72 -3.89
CA GLN A 57 -22.13 34.06 -2.84
C GLN A 57 -21.50 34.12 -1.50
N HIS A 58 -20.39 33.46 -1.29
CA HIS A 58 -19.75 33.41 0.00
C HIS A 58 -18.26 33.48 -0.22
N PRO A 59 -17.71 34.67 -0.44
CA PRO A 59 -16.32 34.89 -0.80
C PRO A 59 -15.25 34.52 0.17
N GLU A 60 -15.63 34.23 1.39
CA GLU A 60 -14.73 33.75 2.36
C GLU A 60 -14.34 32.33 2.07
N LEU A 61 -15.11 31.62 1.28
CA LEU A 61 -14.79 30.29 0.93
C LEU A 61 -13.74 30.21 -0.17
N ARG A 62 -13.58 31.27 -0.94
CA ARG A 62 -12.61 31.27 -1.99
C ARG A 62 -11.28 31.46 -1.35
N THR A 63 -10.45 30.46 -1.35
CA THR A 63 -9.17 30.59 -0.79
C THR A 63 -8.14 30.21 -1.84
N PRO A 64 -6.86 30.45 -1.60
CA PRO A 64 -5.89 30.02 -2.59
C PRO A 64 -5.84 28.53 -2.71
N ASP A 65 -6.28 27.78 -1.72
CA ASP A 65 -6.34 26.35 -1.82
C ASP A 65 -7.53 25.79 -2.53
N SER A 66 -8.55 26.57 -2.77
CA SER A 66 -9.73 26.06 -3.40
C SER A 66 -9.45 25.43 -4.75
N PRO A 67 -10.16 24.36 -5.11
CA PRO A 67 -9.99 23.82 -6.45
C PRO A 67 -10.31 24.86 -7.52
N THR A 68 -11.14 25.82 -7.22
CA THR A 68 -11.40 26.89 -8.10
C THR A 68 -10.44 28.03 -8.27
N GLN A 69 -10.06 28.67 -7.16
CA GLN A 69 -9.48 29.99 -7.37
C GLN A 69 -8.16 29.84 -7.78
N LEU A 70 -7.47 28.91 -7.18
CA LEU A 70 -6.17 28.77 -7.64
C LEU A 70 -5.98 27.66 -8.52
N VAL A 71 -6.47 26.50 -8.16
CA VAL A 71 -5.94 25.35 -8.79
C VAL A 71 -6.90 24.90 -9.87
N GLY A 72 -6.69 25.37 -11.04
CA GLY A 72 -7.37 25.01 -12.24
C GLY A 72 -6.39 24.32 -13.16
N GLY A 73 -5.13 24.71 -13.18
CA GLY A 73 -4.23 23.97 -14.06
C GLY A 73 -3.91 22.60 -13.48
N ALA A 74 -3.45 22.70 -12.22
CA ALA A 74 -3.04 21.69 -11.27
C ALA A 74 -2.55 22.46 -10.03
N GLY A 75 -2.36 21.81 -8.81
CA GLY A 75 -1.68 22.21 -7.58
C GLY A 75 -1.17 20.92 -6.87
N PHE A 76 -0.87 19.91 -7.68
CA PHE A 76 -0.65 18.56 -7.19
C PHE A 76 0.82 18.19 -7.18
N ALA A 77 1.51 18.42 -6.06
CA ALA A 77 2.88 18.07 -5.98
C ALA A 77 3.13 17.32 -4.73
N THR A 78 4.06 16.40 -4.75
CA THR A 78 4.43 15.64 -3.62
C THR A 78 5.64 16.29 -3.01
N ASP A 79 5.67 16.52 -1.74
CA ASP A 79 6.78 17.10 -1.09
C ASP A 79 7.46 16.24 -0.05
N PHE A 80 7.08 14.97 0.06
CA PHE A 80 7.64 14.01 0.96
C PHE A 80 7.72 14.40 2.42
N GLU A 81 6.79 15.21 2.87
CA GLU A 81 6.76 15.66 4.22
C GLU A 81 6.56 14.53 5.19
N PRO A 82 7.19 14.61 6.35
CA PRO A 82 7.05 13.54 7.31
C PRO A 82 5.66 13.34 7.82
N VAL A 83 5.23 12.11 7.93
CA VAL A 83 3.93 11.78 8.36
C VAL A 83 4.05 10.53 9.22
N ASP A 84 3.35 10.46 10.33
CA ASP A 84 3.50 9.36 11.18
C ASP A 84 2.66 8.17 10.76
N HIS A 85 3.15 6.99 11.03
CA HIS A 85 2.39 5.78 10.89
C HIS A 85 1.52 5.62 12.13
N LEU A 86 0.43 4.93 12.02
CA LEU A 86 -0.43 4.73 13.16
C LEU A 86 0.15 3.72 14.10
N GLU A 87 0.78 2.73 13.57
CA GLU A 87 1.42 1.68 14.30
C GLU A 87 2.82 1.63 13.72
N ARG A 88 3.81 1.36 14.51
CA ARG A 88 5.15 1.36 14.05
C ARG A 88 5.38 0.30 13.00
N MET A 89 6.04 0.62 11.92
CA MET A 89 6.33 -0.28 10.85
C MET A 89 7.65 -0.95 11.11
N LEU A 90 7.68 -2.23 11.30
CA LEU A 90 8.94 -2.86 11.62
C LEU A 90 9.59 -3.56 10.45
N SER A 91 10.78 -4.02 10.65
CA SER A 91 11.47 -4.78 9.68
C SER A 91 11.33 -6.28 10.00
N LEU A 92 12.08 -7.17 9.39
CA LEU A 92 11.99 -8.55 9.73
C LEU A 92 13.31 -9.18 10.04
N ASP A 93 13.33 -10.09 10.97
CA ASP A 93 14.51 -10.86 11.20
C ASP A 93 14.69 -11.86 10.06
N ASN A 94 15.90 -12.26 9.80
CA ASN A 94 16.14 -13.16 8.71
C ASN A 94 16.66 -14.53 9.09
N ALA A 95 16.47 -15.49 8.21
CA ALA A 95 17.00 -16.81 8.37
C ALA A 95 17.59 -17.19 7.03
N PHE A 96 18.80 -17.69 6.99
CA PHE A 96 19.37 -18.09 5.75
C PHE A 96 19.67 -19.54 5.60
N THR A 97 19.45 -20.33 6.63
CA THR A 97 19.76 -21.72 6.58
C THR A 97 18.65 -22.50 7.20
N ALA A 98 18.65 -23.78 6.99
CA ALA A 98 17.68 -24.63 7.61
C ALA A 98 17.80 -24.57 9.11
N ASP A 99 19.00 -24.50 9.63
CA ASP A 99 19.18 -24.46 11.04
C ASP A 99 18.63 -23.22 11.67
N GLU A 100 18.86 -22.11 11.04
CA GLU A 100 18.33 -20.88 11.55
C GLU A 100 16.84 -20.91 11.60
N LEU A 101 16.20 -21.42 10.57
CA LEU A 101 14.77 -21.48 10.56
C LEU A 101 14.28 -22.41 11.61
N ALA A 102 14.92 -23.53 11.79
CA ALA A 102 14.51 -24.46 12.80
C ALA A 102 14.63 -23.86 14.19
N ALA A 103 15.67 -23.10 14.41
CA ALA A 103 15.83 -22.43 15.67
C ALA A 103 14.71 -21.46 15.89
N TRP A 104 14.29 -20.72 14.89
CA TRP A 104 13.19 -19.84 15.09
C TRP A 104 11.94 -20.62 15.41
N ALA A 105 11.67 -21.67 14.71
CA ALA A 105 10.52 -22.47 15.00
C ALA A 105 10.48 -23.06 16.41
N GLY A 106 11.61 -23.52 16.87
CA GLY A 106 11.74 -24.04 18.19
C GLY A 106 11.40 -23.00 19.24
N ARG A 107 11.90 -21.79 19.06
CA ARG A 107 11.58 -20.73 19.97
C ARG A 107 10.09 -20.49 19.98
N ILE A 108 9.45 -20.54 18.84
CA ILE A 108 8.07 -20.34 18.80
C ILE A 108 7.38 -21.47 19.53
N HIS A 109 7.82 -22.68 19.31
CA HIS A 109 7.22 -23.82 19.96
C HIS A 109 7.35 -23.68 21.45
N ALA A 110 8.49 -23.27 21.95
CA ALA A 110 8.61 -23.11 23.37
C ALA A 110 7.69 -22.08 23.99
N GLU A 111 7.25 -21.09 23.27
CA GLU A 111 6.39 -20.08 23.85
C GLU A 111 4.96 -20.33 23.71
N VAL A 112 4.53 -20.88 22.59
CA VAL A 112 3.13 -21.08 22.37
C VAL A 112 2.66 -22.48 21.97
N GLY A 113 3.58 -23.44 22.10
CA GLY A 113 3.31 -24.83 21.84
C GLY A 113 2.95 -25.19 20.41
N ASP A 114 1.96 -26.06 20.22
CA ASP A 114 1.53 -26.46 18.88
C ASP A 114 0.23 -25.78 18.48
N ALA A 115 -0.05 -24.62 19.07
CA ALA A 115 -1.22 -23.85 18.76
C ALA A 115 -0.97 -22.89 17.57
N ALA A 116 0.26 -22.73 17.15
CA ALA A 116 0.60 -21.88 16.06
C ALA A 116 0.62 -22.47 14.69
N HIS A 117 -0.03 -21.88 13.72
CA HIS A 117 0.11 -22.28 12.38
C HIS A 117 0.90 -21.20 11.65
N TYR A 118 1.42 -21.55 10.52
CA TYR A 118 2.31 -20.71 9.80
C TYR A 118 1.89 -20.28 8.42
N LEU A 119 1.71 -19.00 8.22
CA LEU A 119 1.36 -18.49 6.95
C LEU A 119 2.65 -18.26 6.18
N CYS A 120 2.77 -18.80 5.01
CA CYS A 120 3.93 -18.68 4.22
C CYS A 120 3.69 -17.77 3.00
N GLU A 121 4.29 -16.62 2.99
CA GLU A 121 4.10 -15.70 1.92
C GLU A 121 5.35 -15.46 1.11
N LEU A 122 5.19 -15.15 -0.14
CA LEU A 122 6.30 -14.75 -0.93
C LEU A 122 6.84 -13.35 -0.54
N LYS A 123 8.14 -13.23 -0.33
CA LYS A 123 8.74 -11.97 0.00
C LYS A 123 9.00 -11.24 -1.27
N ILE A 124 8.32 -10.15 -1.50
CA ILE A 124 8.52 -9.36 -2.69
C ILE A 124 9.62 -8.32 -2.44
N ASP A 125 10.61 -8.28 -3.30
CA ASP A 125 11.71 -7.35 -3.16
C ASP A 125 11.50 -5.98 -3.80
N GLY A 126 10.58 -5.24 -3.24
CA GLY A 126 10.21 -3.96 -3.72
C GLY A 126 10.36 -2.82 -2.74
N VAL A 127 9.41 -1.91 -2.71
CA VAL A 127 9.42 -0.79 -1.86
C VAL A 127 8.23 -0.86 -0.92
N ALA A 128 8.44 -0.72 0.34
CA ALA A 128 7.40 -0.78 1.28
C ALA A 128 6.51 0.46 1.23
N LEU A 129 5.22 0.28 1.32
CA LEU A 129 4.30 1.34 1.32
C LEU A 129 3.14 1.12 2.34
N SER A 130 2.87 2.08 3.18
CA SER A 130 1.85 1.97 4.13
C SER A 130 0.61 2.81 3.76
N LEU A 131 -0.53 2.24 3.58
CA LEU A 131 -1.69 2.99 3.29
C LEU A 131 -2.70 3.10 4.45
N VAL A 132 -3.40 4.20 4.52
CA VAL A 132 -4.40 4.42 5.50
C VAL A 132 -5.76 4.73 4.85
N TYR A 133 -6.78 4.00 5.20
CA TYR A 133 -8.11 4.21 4.76
C TYR A 133 -8.99 4.62 5.99
N ARG A 134 -9.68 5.77 5.87
CA ARG A 134 -10.57 6.24 6.93
C ARG A 134 -11.99 6.16 6.37
N GLU A 135 -12.87 5.41 7.03
CA GLU A 135 -14.21 5.18 6.59
C GLU A 135 -14.29 4.72 5.13
N GLY A 136 -13.39 3.86 4.74
CA GLY A 136 -13.36 3.31 3.42
C GLY A 136 -12.73 4.17 2.37
N ARG A 137 -12.10 5.24 2.76
CA ARG A 137 -11.50 6.11 1.83
C ARG A 137 -10.01 6.33 2.03
N LEU A 138 -9.22 6.27 0.97
CA LEU A 138 -7.81 6.47 1.08
C LEU A 138 -7.39 7.89 1.54
N THR A 139 -6.78 7.98 2.67
CA THR A 139 -6.36 9.25 3.16
C THR A 139 -4.87 9.50 3.15
N ARG A 140 -4.05 8.51 3.33
CA ARG A 140 -2.65 8.71 3.36
C ARG A 140 -1.86 7.48 2.90
N ALA A 141 -0.75 7.69 2.25
CA ALA A 141 0.13 6.65 1.88
C ALA A 141 1.51 7.15 2.16
N SER A 142 2.33 6.34 2.79
CA SER A 142 3.65 6.81 3.08
C SER A 142 4.66 5.71 2.98
N THR A 143 5.91 6.12 2.95
CA THR A 143 7.04 5.27 2.90
C THR A 143 7.37 4.82 4.32
N ARG A 144 8.32 3.91 4.46
CA ARG A 144 8.70 3.41 5.78
C ARG A 144 9.39 4.48 6.65
N GLY A 145 10.32 5.23 6.07
CA GLY A 145 11.07 6.19 6.80
C GLY A 145 11.83 5.49 7.90
N ASP A 146 11.71 5.99 9.12
CA ASP A 146 12.40 5.38 10.24
C ASP A 146 11.54 4.35 10.98
N GLY A 147 10.32 4.09 10.51
CA GLY A 147 9.49 3.14 11.20
C GLY A 147 8.36 3.76 11.94
N ARG A 148 8.60 4.90 12.56
CA ARG A 148 7.59 5.66 13.20
C ARG A 148 7.05 6.70 12.23
N THR A 149 7.90 7.30 11.45
CA THR A 149 7.57 8.35 10.54
C THR A 149 8.12 8.07 9.16
N GLY A 150 7.29 8.20 8.16
CA GLY A 150 7.70 8.04 6.82
C GLY A 150 7.38 9.29 6.03
N GLU A 151 7.52 9.22 4.70
CA GLU A 151 7.30 10.36 3.86
C GLU A 151 5.95 10.24 3.17
N ASP A 152 5.27 11.37 3.04
CA ASP A 152 4.01 11.43 2.38
C ASP A 152 4.11 11.32 0.83
N VAL A 153 3.66 10.23 0.26
CA VAL A 153 3.61 10.04 -1.15
C VAL A 153 2.21 9.65 -1.56
N THR A 154 1.24 10.22 -0.87
CA THR A 154 -0.16 9.98 -1.08
C THR A 154 -0.60 10.14 -2.54
N LEU A 155 -0.24 11.26 -3.15
CA LEU A 155 -0.56 11.50 -4.53
C LEU A 155 -0.01 10.44 -5.48
N ASN A 156 1.20 10.03 -5.28
CA ASN A 156 1.82 9.02 -6.08
C ASN A 156 1.11 7.66 -5.95
N ALA A 157 0.73 7.30 -4.75
CA ALA A 157 0.05 6.09 -4.44
C ALA A 157 -1.34 6.05 -5.05
N ARG A 158 -1.97 7.22 -5.15
CA ARG A 158 -3.24 7.41 -5.79
C ARG A 158 -3.18 7.14 -7.28
N THR A 159 -2.02 7.14 -7.90
CA THR A 159 -1.92 6.78 -9.29
C THR A 159 -1.69 5.28 -9.52
N ILE A 160 -1.41 4.48 -8.51
CA ILE A 160 -1.22 3.08 -8.70
C ILE A 160 -2.54 2.39 -8.99
N ALA A 161 -2.66 1.71 -10.13
CA ALA A 161 -3.89 1.04 -10.50
C ALA A 161 -4.41 0.08 -9.42
N ASP A 162 -3.52 -0.70 -8.84
CA ASP A 162 -3.87 -1.64 -7.84
C ASP A 162 -4.43 -1.03 -6.52
N VAL A 163 -4.20 0.23 -6.26
CA VAL A 163 -4.63 0.85 -5.04
C VAL A 163 -5.93 1.55 -5.19
N PRO A 164 -6.99 1.00 -4.68
CA PRO A 164 -8.26 1.65 -4.89
C PRO A 164 -8.45 2.90 -4.05
N GLU A 165 -9.13 3.89 -4.57
CA GLU A 165 -9.42 5.08 -3.79
C GLU A 165 -10.39 4.73 -2.67
N ARG A 166 -11.31 3.85 -2.91
CA ARG A 166 -12.31 3.51 -1.96
C ARG A 166 -12.48 2.02 -1.81
N LEU A 167 -12.80 1.60 -0.63
CA LEU A 167 -12.97 0.25 -0.34
C LEU A 167 -14.38 -0.24 -0.73
N THR A 168 -14.46 -1.40 -1.33
CA THR A 168 -15.69 -1.99 -1.74
C THR A 168 -16.45 -2.64 -0.58
N PRO A 169 -17.69 -2.24 -0.31
CA PRO A 169 -18.43 -2.87 0.77
C PRO A 169 -18.90 -4.27 0.47
N GLY A 170 -18.86 -5.16 1.42
CA GLY A 170 -19.20 -6.55 1.13
C GLY A 170 -20.08 -7.20 2.15
N ASP A 171 -20.80 -8.33 1.92
CA ASP A 171 -21.67 -8.82 2.96
C ASP A 171 -20.90 -9.30 4.15
N ASP A 172 -19.92 -10.08 3.90
CA ASP A 172 -19.19 -10.64 4.96
C ASP A 172 -18.31 -9.71 5.76
N TYR A 173 -17.72 -8.73 5.12
CA TYR A 173 -16.72 -7.89 5.74
C TYR A 173 -17.00 -6.40 5.72
N PRO A 174 -17.55 -5.85 6.80
CA PRO A 174 -17.83 -4.43 6.79
C PRO A 174 -16.60 -3.53 6.75
N VAL A 175 -16.68 -2.42 6.07
CA VAL A 175 -15.58 -1.54 5.94
C VAL A 175 -15.11 -0.99 7.27
N PRO A 176 -13.84 -1.15 7.61
CA PRO A 176 -13.43 -0.63 8.90
C PRO A 176 -13.46 0.88 9.06
N GLU A 177 -13.54 1.35 10.28
CA GLU A 177 -13.51 2.75 10.56
C GLU A 177 -12.15 3.28 10.10
N VAL A 178 -11.09 2.61 10.51
CA VAL A 178 -9.75 2.94 10.17
C VAL A 178 -8.98 1.67 9.79
N LEU A 179 -8.29 1.69 8.69
CA LEU A 179 -7.50 0.59 8.26
C LEU A 179 -6.13 0.99 7.76
N GLU A 180 -5.07 0.55 8.45
CA GLU A 180 -3.71 0.83 8.02
C GLU A 180 -3.24 -0.51 7.46
N VAL A 181 -2.91 -0.54 6.17
CA VAL A 181 -2.51 -1.76 5.51
C VAL A 181 -1.17 -1.60 4.88
N ARG A 182 -0.30 -2.54 5.07
CA ARG A 182 1.00 -2.47 4.55
C ARG A 182 1.13 -3.36 3.31
N GLY A 183 1.91 -2.92 2.36
CA GLY A 183 2.19 -3.61 1.15
C GLY A 183 3.51 -3.28 0.48
N GLU A 184 3.80 -3.96 -0.61
CA GLU A 184 4.97 -3.76 -1.38
C GLU A 184 4.65 -3.25 -2.80
N VAL A 185 5.36 -2.22 -3.23
CA VAL A 185 5.23 -1.64 -4.51
C VAL A 185 6.37 -2.17 -5.39
N PHE A 186 6.06 -2.59 -6.58
CA PHE A 186 6.99 -3.18 -7.46
C PHE A 186 6.63 -3.08 -8.93
N PHE A 187 7.59 -3.38 -9.79
CA PHE A 187 7.38 -3.49 -11.20
C PHE A 187 7.51 -4.93 -11.60
N ARG A 188 6.74 -5.32 -12.57
CA ARG A 188 6.90 -6.59 -13.18
C ARG A 188 8.13 -6.45 -14.07
N LEU A 189 8.85 -7.51 -14.21
CA LEU A 189 10.04 -7.54 -15.00
C LEU A 189 9.94 -6.98 -16.39
N ASP A 190 8.92 -7.31 -17.14
CA ASP A 190 8.77 -6.79 -18.49
C ASP A 190 8.56 -5.31 -18.49
N ASP A 191 7.81 -4.82 -17.52
CA ASP A 191 7.53 -3.42 -17.37
C ASP A 191 8.80 -2.64 -16.97
N PHE A 192 9.65 -3.23 -16.15
CA PHE A 192 10.92 -2.65 -15.80
C PHE A 192 11.78 -2.43 -17.04
N GLN A 193 11.91 -3.43 -17.90
CA GLN A 193 12.66 -3.28 -19.13
C GLN A 193 12.08 -2.19 -20.02
N ALA A 194 10.76 -2.20 -20.19
CA ALA A 194 10.07 -1.23 -20.99
C ALA A 194 10.30 0.17 -20.51
N LEU A 195 10.27 0.36 -19.21
CA LEU A 195 10.51 1.63 -18.68
C LEU A 195 11.92 2.08 -18.95
N ASN A 196 12.89 1.23 -18.80
CA ASN A 196 14.26 1.56 -19.10
C ASN A 196 14.43 1.99 -20.58
N ALA A 197 13.82 1.30 -21.50
CA ALA A 197 13.89 1.62 -22.88
C ALA A 197 13.31 3.01 -23.11
N SER A 198 12.18 3.30 -22.54
CA SER A 198 11.60 4.58 -22.67
C SER A 198 12.49 5.65 -22.08
N LEU A 199 13.12 5.45 -20.95
CA LEU A 199 13.98 6.42 -20.38
C LEU A 199 15.20 6.74 -21.24
N VAL A 200 15.78 5.74 -21.85
CA VAL A 200 16.91 5.90 -22.69
C VAL A 200 16.51 6.64 -23.97
N GLU A 201 15.30 6.47 -24.47
CA GLU A 201 14.79 7.18 -25.61
C GLU A 201 14.66 8.68 -25.37
N GLU A 202 14.45 9.11 -24.15
CA GLU A 202 14.43 10.49 -23.78
C GLU A 202 15.76 10.99 -23.29
N GLY A 203 16.85 10.26 -23.41
CA GLY A 203 18.12 10.72 -22.91
C GLY A 203 18.33 10.62 -21.43
N LYS A 204 17.63 9.73 -20.78
CA LYS A 204 17.78 9.56 -19.37
C LYS A 204 18.47 8.26 -19.04
N ALA A 205 19.11 8.19 -17.90
CA ALA A 205 19.75 6.98 -17.48
C ALA A 205 18.75 5.93 -17.05
N PRO A 206 18.99 4.72 -17.41
CA PRO A 206 18.11 3.67 -16.95
C PRO A 206 18.39 3.25 -15.51
N PHE A 207 17.49 2.52 -14.93
CA PHE A 207 17.67 2.03 -13.61
C PHE A 207 18.40 0.69 -13.61
N ALA A 208 19.23 0.42 -12.65
CA ALA A 208 19.97 -0.80 -12.58
C ALA A 208 19.16 -2.04 -12.24
N ASN A 209 18.06 -1.87 -11.52
CA ASN A 209 17.21 -2.95 -11.08
C ASN A 209 15.72 -2.57 -10.81
N PRO A 210 14.82 -3.56 -10.79
CA PRO A 210 13.44 -3.19 -10.56
C PRO A 210 13.16 -2.54 -9.24
N ARG A 211 13.88 -2.82 -8.18
CA ARG A 211 13.62 -2.18 -6.93
C ARG A 211 13.92 -0.70 -6.97
N ASN A 212 15.07 -0.34 -7.47
CA ASN A 212 15.48 1.04 -7.60
C ASN A 212 14.50 1.78 -8.49
N SER A 213 14.10 1.12 -9.55
CA SER A 213 13.19 1.64 -10.46
C SER A 213 11.79 1.87 -9.79
N ALA A 214 11.32 0.98 -8.96
CA ALA A 214 10.06 1.19 -8.29
C ALA A 214 10.13 2.36 -7.31
N ALA A 215 11.18 2.42 -6.53
CA ALA A 215 11.41 3.48 -5.60
C ALA A 215 11.42 4.84 -6.27
N GLY A 216 12.20 4.95 -7.34
CA GLY A 216 12.32 6.19 -8.09
C GLY A 216 11.01 6.60 -8.73
N SER A 217 10.28 5.62 -9.27
CA SER A 217 9.04 5.89 -9.90
C SER A 217 8.01 6.34 -8.89
N LEU A 218 8.07 5.77 -7.72
CA LEU A 218 7.20 6.12 -6.65
C LEU A 218 7.46 7.52 -6.12
N ARG A 219 8.69 7.83 -5.92
CA ARG A 219 9.08 9.06 -5.36
C ARG A 219 9.28 10.20 -6.34
N GLN A 220 8.21 10.72 -6.83
CA GLN A 220 8.26 11.73 -7.81
C GLN A 220 7.55 12.94 -7.26
N LYS A 221 8.16 14.10 -7.38
CA LYS A 221 7.57 15.31 -6.92
C LYS A 221 6.34 15.60 -7.69
N ASP A 222 6.30 15.20 -8.93
CA ASP A 222 5.17 15.35 -9.76
C ASP A 222 4.51 13.99 -9.93
N PRO A 223 3.35 13.75 -9.30
CA PRO A 223 2.70 12.45 -9.42
C PRO A 223 2.26 11.98 -10.78
N ALA A 224 2.17 12.85 -11.76
CA ALA A 224 1.86 12.48 -13.10
C ALA A 224 2.94 11.63 -13.68
N VAL A 225 4.17 11.77 -13.24
CA VAL A 225 5.26 10.90 -13.69
C VAL A 225 4.99 9.44 -13.23
N THR A 226 4.60 9.30 -11.97
CA THR A 226 4.24 8.03 -11.37
C THR A 226 3.07 7.44 -12.10
N ALA A 227 2.08 8.23 -12.45
CA ALA A 227 0.92 7.75 -13.15
C ALA A 227 1.20 7.13 -14.50
N ARG A 228 2.24 7.59 -15.15
CA ARG A 228 2.66 7.11 -16.43
C ARG A 228 3.43 5.78 -16.33
N ARG A 229 3.81 5.36 -15.15
CA ARG A 229 4.53 4.12 -14.99
C ARG A 229 3.70 3.00 -14.40
N ARG A 230 3.95 1.76 -14.82
CA ARG A 230 3.16 0.61 -14.38
C ARG A 230 3.49 -0.02 -13.02
N LEU A 231 3.44 0.75 -11.95
CA LEU A 231 3.66 0.24 -10.65
C LEU A 231 2.52 -0.65 -10.20
N ARG A 232 2.82 -1.63 -9.42
CA ARG A 232 1.92 -2.55 -8.86
C ARG A 232 2.10 -2.60 -7.36
N MET A 233 1.09 -3.14 -6.69
CA MET A 233 1.14 -3.24 -5.24
C MET A 233 0.43 -4.51 -4.73
N ILE A 234 1.03 -5.19 -3.77
CA ILE A 234 0.47 -6.34 -3.16
C ILE A 234 0.51 -6.10 -1.65
N CYS A 235 -0.60 -6.20 -0.97
CA CYS A 235 -0.66 -6.01 0.45
C CYS A 235 -0.17 -7.22 1.26
N HIS A 236 0.66 -7.05 2.26
CA HIS A 236 1.19 -8.14 3.03
C HIS A 236 1.19 -7.97 4.51
N GLY A 237 0.28 -7.19 5.01
CA GLY A 237 0.24 -6.94 6.41
C GLY A 237 -0.67 -5.84 6.88
N LEU A 238 -0.88 -5.70 8.21
CA LEU A 238 -1.75 -4.77 8.81
C LEU A 238 -1.12 -3.97 9.90
N GLY A 239 -1.41 -2.70 9.95
CA GLY A 239 -0.96 -1.88 11.02
C GLY A 239 -2.13 -1.66 11.95
N HIS A 240 -2.43 -0.42 12.28
CA HIS A 240 -3.51 -0.06 13.11
C HIS A 240 -4.85 -0.29 12.44
N VAL A 241 -5.81 -0.84 13.12
CA VAL A 241 -7.09 -1.05 12.53
C VAL A 241 -8.22 -0.78 13.52
N GLU A 242 -9.30 -0.19 13.08
CA GLU A 242 -10.45 0.02 13.88
C GLU A 242 -11.69 -0.53 13.20
N GLY A 243 -12.51 -1.27 13.90
CA GLY A 243 -13.69 -1.81 13.32
C GLY A 243 -13.50 -3.08 12.55
N PHE A 244 -12.55 -3.87 12.95
CA PHE A 244 -12.14 -5.05 12.26
C PHE A 244 -11.25 -5.86 13.15
N ARG A 245 -11.61 -7.06 13.51
CA ARG A 245 -10.78 -7.84 14.39
C ARG A 245 -10.61 -9.22 13.86
N PRO A 246 -9.75 -9.41 12.89
CA PRO A 246 -9.62 -10.74 12.34
C PRO A 246 -8.89 -11.70 13.24
N ALA A 247 -9.33 -12.93 13.31
CA ALA A 247 -8.71 -13.88 14.14
C ALA A 247 -7.37 -14.26 13.67
N THR A 248 -7.20 -14.24 12.39
CA THR A 248 -5.97 -14.62 11.78
C THR A 248 -5.61 -13.73 10.59
N LEU A 249 -4.35 -13.73 10.24
CA LEU A 249 -3.83 -13.03 9.10
C LEU A 249 -4.44 -13.54 7.79
N HIS A 250 -4.66 -14.82 7.67
CA HIS A 250 -5.23 -15.35 6.47
C HIS A 250 -6.66 -14.93 6.29
N GLN A 251 -7.40 -14.84 7.36
CA GLN A 251 -8.75 -14.38 7.32
C GLN A 251 -8.81 -12.90 7.03
N ALA A 252 -7.81 -12.18 7.52
CA ALA A 252 -7.62 -10.78 7.24
C ALA A 252 -7.43 -10.56 5.74
N TYR A 253 -6.71 -11.42 5.07
CA TYR A 253 -6.50 -11.32 3.66
C TYR A 253 -7.80 -11.52 2.88
N LEU A 254 -8.73 -12.29 3.39
CA LEU A 254 -9.99 -12.48 2.74
C LEU A 254 -10.76 -11.17 2.77
N ALA A 255 -10.68 -10.42 3.86
CA ALA A 255 -11.36 -9.14 3.94
C ALA A 255 -10.73 -8.10 3.01
N LEU A 256 -9.41 -8.06 2.93
CA LEU A 256 -8.68 -7.22 1.99
C LEU A 256 -9.17 -7.47 0.57
N ARG A 257 -9.30 -8.71 0.19
CA ARG A 257 -9.85 -9.10 -1.08
C ARG A 257 -11.25 -8.60 -1.26
N ALA A 258 -12.13 -8.78 -0.30
CA ALA A 258 -13.49 -8.36 -0.42
C ALA A 258 -13.59 -6.86 -0.59
N TRP A 259 -12.73 -6.15 0.10
CA TRP A 259 -12.68 -4.71 0.04
C TRP A 259 -12.03 -4.16 -1.24
N GLY A 260 -11.36 -5.00 -2.03
CA GLY A 260 -10.77 -4.54 -3.27
C GLY A 260 -9.27 -4.28 -3.23
N LEU A 261 -8.62 -4.66 -2.14
CA LEU A 261 -7.22 -4.45 -2.03
C LEU A 261 -6.47 -5.59 -2.67
N PRO A 262 -5.33 -5.33 -3.20
CA PRO A 262 -4.60 -6.39 -3.89
C PRO A 262 -3.86 -7.36 -2.98
N VAL A 263 -4.03 -8.63 -3.16
CA VAL A 263 -3.34 -9.60 -2.39
C VAL A 263 -2.73 -10.69 -3.25
N SER A 264 -1.72 -11.34 -2.72
CA SER A 264 -1.01 -12.36 -3.48
C SER A 264 -1.74 -13.71 -3.48
N GLU A 265 -1.69 -14.40 -4.62
CA GLU A 265 -2.26 -15.71 -4.75
C GLU A 265 -1.27 -16.80 -4.38
N HIS A 266 -0.09 -16.49 -3.92
CA HIS A 266 0.88 -17.49 -3.59
C HIS A 266 1.04 -17.78 -2.14
N THR A 267 0.11 -17.39 -1.33
CA THR A 267 0.21 -17.60 0.08
C THR A 267 -0.38 -18.94 0.49
N THR A 268 0.24 -19.65 1.40
CA THR A 268 -0.31 -20.90 1.87
C THR A 268 -0.23 -21.03 3.36
N LEU A 269 -1.08 -21.85 3.93
CA LEU A 269 -1.15 -22.06 5.33
C LEU A 269 -0.61 -23.43 5.76
N ALA A 270 0.55 -23.48 6.36
CA ALA A 270 1.15 -24.68 6.84
C ALA A 270 0.86 -24.89 8.29
N THR A 271 0.85 -26.13 8.73
CA THR A 271 0.52 -26.43 10.07
C THR A 271 1.69 -26.60 11.01
N ASP A 272 2.84 -26.89 10.48
CA ASP A 272 4.04 -27.04 11.26
C ASP A 272 5.28 -26.79 10.41
N LEU A 273 6.43 -26.92 10.97
CA LEU A 273 7.64 -26.69 10.30
C LEU A 273 7.92 -27.53 9.02
N ALA A 274 7.35 -28.71 8.91
CA ALA A 274 7.54 -29.52 7.74
C ALA A 274 6.85 -28.92 6.59
N GLY A 275 5.69 -28.35 6.83
CA GLY A 275 4.93 -27.68 5.82
C GLY A 275 5.65 -26.42 5.38
N VAL A 276 6.25 -25.73 6.33
CA VAL A 276 6.97 -24.53 6.04
C VAL A 276 8.15 -24.88 5.15
N ARG A 277 8.87 -25.90 5.56
CA ARG A 277 10.04 -26.37 4.84
C ARG A 277 9.72 -26.75 3.40
N GLU A 278 8.55 -27.35 3.19
CA GLU A 278 8.12 -27.72 1.84
C GLU A 278 7.95 -26.49 0.94
N ARG A 279 7.32 -25.44 1.48
CA ARG A 279 7.10 -24.23 0.70
C ARG A 279 8.40 -23.52 0.39
N ILE A 280 9.31 -23.53 1.30
CA ILE A 280 10.57 -22.96 1.09
C ILE A 280 11.31 -23.68 -0.01
N ASP A 281 11.36 -24.99 0.02
CA ASP A 281 12.01 -25.74 -1.00
C ASP A 281 11.31 -25.53 -2.33
N TYR A 282 10.01 -25.48 -2.34
CA TYR A 282 9.26 -25.28 -3.54
C TYR A 282 9.54 -23.95 -4.23
N TRP A 283 9.51 -22.85 -3.50
CA TRP A 283 9.72 -21.55 -4.08
C TRP A 283 11.17 -21.33 -4.43
N GLY A 284 12.04 -22.11 -3.83
CA GLY A 284 13.41 -22.09 -4.19
C GLY A 284 13.56 -22.54 -5.61
N GLU A 285 12.84 -23.56 -6.02
CA GLU A 285 12.80 -24.04 -7.34
C GLU A 285 11.93 -23.27 -8.31
N HIS A 286 10.87 -22.67 -7.85
CA HIS A 286 9.96 -22.01 -8.74
C HIS A 286 9.78 -20.51 -8.70
N ARG A 287 10.58 -19.78 -7.94
CA ARG A 287 10.44 -18.34 -7.84
C ARG A 287 10.75 -17.62 -9.11
N HIS A 288 11.50 -18.25 -10.01
CA HIS A 288 11.86 -17.68 -11.29
C HIS A 288 10.70 -17.55 -12.21
N GLU A 289 9.64 -18.31 -11.95
CA GLU A 289 8.45 -18.28 -12.78
C GLU A 289 7.51 -17.14 -12.41
N VAL A 290 7.75 -16.49 -11.26
CA VAL A 290 6.89 -15.42 -10.86
C VAL A 290 7.37 -14.19 -11.64
N ASP A 291 6.47 -13.33 -12.03
CA ASP A 291 6.83 -12.21 -12.83
C ASP A 291 7.42 -10.96 -12.19
N HIS A 292 7.78 -11.07 -10.95
CA HIS A 292 8.39 -10.03 -10.18
C HIS A 292 9.40 -10.66 -9.25
N GLU A 293 10.28 -9.88 -8.71
CA GLU A 293 11.31 -10.37 -7.90
C GLU A 293 10.90 -10.93 -6.51
N ILE A 294 11.31 -12.15 -6.20
CA ILE A 294 11.06 -12.76 -4.94
C ILE A 294 12.38 -13.13 -4.29
N ASP A 295 12.73 -12.48 -3.22
CA ASP A 295 13.96 -12.75 -2.56
C ASP A 295 13.84 -13.74 -1.42
N GLY A 296 12.66 -14.23 -1.16
CA GLY A 296 12.47 -15.15 -0.09
C GLY A 296 11.06 -15.53 0.26
N VAL A 297 10.88 -16.11 1.40
CA VAL A 297 9.61 -16.49 1.90
C VAL A 297 9.46 -15.94 3.32
N VAL A 298 8.38 -15.29 3.60
CA VAL A 298 8.16 -14.79 4.88
C VAL A 298 7.27 -15.75 5.65
N VAL A 299 7.70 -16.25 6.78
CA VAL A 299 6.94 -17.16 7.57
C VAL A 299 6.31 -16.46 8.74
N LYS A 300 5.02 -16.53 8.90
CA LYS A 300 4.35 -15.87 9.96
C LYS A 300 3.38 -16.69 10.76
N VAL A 301 3.41 -16.58 12.08
CA VAL A 301 2.45 -17.18 12.93
C VAL A 301 1.13 -16.48 12.53
N ASP A 302 0.15 -17.27 12.16
CA ASP A 302 -1.08 -16.83 11.66
C ASP A 302 -2.13 -16.29 12.64
N GLU A 303 -2.14 -16.88 13.84
CA GLU A 303 -3.09 -16.51 14.88
C GLU A 303 -2.75 -15.16 15.50
N VAL A 304 -3.63 -14.17 15.35
CA VAL A 304 -3.42 -12.89 15.88
C VAL A 304 -3.13 -12.90 17.37
N ALA A 305 -3.85 -13.67 18.14
CA ALA A 305 -3.63 -13.70 19.55
C ALA A 305 -2.26 -14.21 19.85
N LEU A 306 -1.75 -15.14 19.08
CA LEU A 306 -0.44 -15.63 19.31
C LEU A 306 0.59 -14.58 18.94
N GLN A 307 0.31 -13.75 17.98
CA GLN A 307 1.20 -12.70 17.58
C GLN A 307 1.31 -11.72 18.73
N ARG A 308 0.21 -11.41 19.38
CA ARG A 308 0.24 -10.52 20.49
C ARG A 308 1.12 -11.07 21.57
N ARG A 309 0.92 -12.32 21.92
CA ARG A 309 1.70 -12.92 22.94
C ARG A 309 3.14 -12.92 22.66
N LEU A 310 3.54 -13.26 21.48
CA LEU A 310 4.95 -13.30 21.18
C LEU A 310 5.56 -11.92 21.15
N GLY A 311 4.81 -10.96 20.69
CA GLY A 311 5.22 -9.60 20.60
C GLY A 311 6.25 -9.18 19.62
N SER A 312 6.89 -8.07 19.84
CA SER A 312 7.95 -7.67 19.00
C SER A 312 8.99 -6.93 19.77
N THR A 313 10.17 -6.84 19.17
CA THR A 313 11.29 -6.10 19.67
C THR A 313 11.18 -4.68 19.10
N SER A 314 12.22 -3.87 19.21
CA SER A 314 12.17 -2.56 18.67
C SER A 314 12.35 -2.61 17.21
N ARG A 315 12.92 -3.64 16.69
CA ARG A 315 13.14 -3.66 15.27
C ARG A 315 12.29 -4.59 14.44
N ALA A 316 11.73 -5.61 15.06
CA ALA A 316 11.00 -6.63 14.34
C ALA A 316 10.09 -7.48 15.17
N PRO A 317 9.11 -8.11 14.52
CA PRO A 317 8.28 -9.08 15.20
C PRO A 317 8.91 -10.36 15.62
N ARG A 318 8.56 -10.92 16.75
CA ARG A 318 9.07 -12.19 17.12
C ARG A 318 8.29 -13.28 16.44
N TRP A 319 7.08 -12.98 16.00
CA TRP A 319 6.20 -13.90 15.36
C TRP A 319 6.35 -14.11 13.84
N ALA A 320 7.39 -13.60 13.25
CA ALA A 320 7.62 -13.76 11.85
C ALA A 320 9.09 -13.82 11.54
N ILE A 321 9.47 -14.35 10.42
CA ILE A 321 10.85 -14.46 10.02
C ILE A 321 10.94 -14.54 8.51
N ALA A 322 11.91 -13.91 7.93
CA ALA A 322 12.10 -13.96 6.53
C ALA A 322 13.17 -14.97 6.16
N TYR A 323 12.80 -16.03 5.44
CA TYR A 323 13.79 -16.99 4.99
C TYR A 323 14.27 -16.44 3.64
N LYS A 324 15.54 -16.05 3.53
CA LYS A 324 16.06 -15.48 2.36
C LYS A 324 16.90 -16.44 1.57
N TYR A 325 16.70 -16.45 0.28
CA TYR A 325 17.43 -17.28 -0.56
C TYR A 325 18.75 -16.63 -0.92
N PRO A 326 19.62 -17.38 -1.60
CA PRO A 326 20.79 -16.87 -2.28
C PRO A 326 20.37 -15.90 -3.39
N PRO A 327 21.23 -14.88 -3.71
CA PRO A 327 20.77 -13.95 -4.75
C PRO A 327 20.38 -14.56 -6.07
N GLU A 328 19.21 -14.22 -6.60
CA GLU A 328 18.70 -14.80 -7.80
C GLU A 328 19.70 -14.94 -8.97
O3P NMN B . -9.98 21.24 -14.80
P NMN B . -9.84 22.61 -15.06
O1P NMN B . -9.68 22.74 -13.59
O2P NMN B . -8.83 22.93 -16.07
O5R NMN B . -10.91 23.19 -16.18
C5R NMN B . -11.44 22.29 -17.12
C4R NMN B . -10.87 21.76 -18.54
O4R NMN B . -10.36 20.21 -18.60
C3R NMN B . -12.01 21.57 -19.27
O3R NMN B . -11.73 21.24 -20.62
C2R NMN B . -12.62 20.36 -18.71
O2R NMN B . -13.69 19.79 -19.37
C1R NMN B . -11.35 19.41 -18.60
N1 NMN B . -11.37 18.70 -17.34
C2 NMN B . -12.08 17.62 -17.32
C3 NMN B . -12.23 16.89 -16.19
C7 NMN B . -12.97 15.63 -16.10
O7 NMN B . -12.93 15.04 -15.14
N7 NMN B . -13.78 15.01 -17.10
C4 NMN B . -11.66 17.34 -15.05
C5 NMN B . -10.93 18.51 -15.08
C6 NMN B . -10.85 19.15 -16.26
H5R1 NMN B . -12.36 22.58 -17.29
H5R2 NMN B . -11.50 21.47 -16.63
H4RC NMN B . -10.27 22.38 -18.96
H3RC NMN B . -12.60 22.33 -19.19
H3RO NMN B . -11.05 21.68 -20.89
H2RC NMN B . -12.95 20.51 -17.81
H2RO NMN B . -14.34 19.70 -18.82
H1RC NMN B . -11.31 18.80 -19.35
HC2 NMN B . -12.47 17.33 -18.12
HN71 NMN B . -13.87 15.39 -17.87
HN72 NMN B . -14.17 14.27 -16.93
HC4 NMN B . -11.73 16.85 -14.27
HC5 NMN B . -10.51 18.83 -14.31
HC6 NMN B . -10.37 19.95 -16.30
P AMP C . 14.18 -7.28 4.87
O1P AMP C . 14.36 -8.42 5.73
O2P AMP C . 14.82 -6.13 5.44
O3P AMP C . 14.82 -7.59 3.57
O5' AMP C . 12.63 -7.01 4.66
C5' AMP C . 11.63 -6.54 5.51
C4' AMP C . 10.61 -6.07 4.46
O4' AMP C . 10.23 -6.98 3.64
C3' AMP C . 9.21 -5.64 5.09
O3' AMP C . 9.40 -4.65 6.00
C2' AMP C . 8.48 -5.41 4.09
O2' AMP C . 8.45 -4.17 3.58
C1' AMP C . 9.04 -6.38 3.00
N9 AMP C . 8.20 -7.46 2.55
C8 AMP C . 8.16 -7.93 1.36
N7 AMP C . 7.31 -8.86 1.29
C5 AMP C . 6.78 -9.02 2.47
C6 AMP C . 5.82 -9.86 3.04
N6 AMP C . 5.13 -10.83 2.24
N1 AMP C . 5.53 -9.72 4.29
C2 AMP C . 6.10 -8.82 5.01
N3 AMP C . 7.01 -8.06 4.53
C4 AMP C . 7.35 -8.12 3.28
H5'1 AMP C . 11.27 -7.25 6.05
H5'2 AMP C . 11.95 -5.80 6.05
H4' AMP C . 10.97 -5.32 3.96
H3' AMP C . 8.85 -6.42 5.56
HO3' AMP C . 8.78 -4.66 6.58
H2' AMP C . 7.57 -5.68 4.31
HO2' AMP C . 8.16 -4.20 2.78
H1' AMP C . 9.32 -5.86 2.23
H8 AMP C . 8.67 -7.62 0.66
HN61 AMP C . 5.55 -11.52 1.96
HN62 AMP C . 4.31 -10.72 2.04
H2 AMP C . 5.89 -8.75 5.91
S SO4 D . -9.66 3.81 -8.40
O1 SO4 D . -10.12 2.41 -8.59
O2 SO4 D . -8.24 3.82 -8.02
O3 SO4 D . -9.85 4.57 -9.65
O4 SO4 D . -10.45 4.44 -7.32
S SO4 E . 12.01 -0.19 2.15
O1 SO4 E . 10.99 -0.98 1.43
O2 SO4 E . 12.88 -1.10 2.94
O3 SO4 E . 12.84 0.56 1.18
O4 SO4 E . 11.34 0.77 3.06
S SO4 F . -11.88 -2.93 17.02
O1 SO4 F . -13.12 -3.55 16.48
O2 SO4 F . -10.76 -3.90 16.94
O3 SO4 F . -11.55 -1.72 16.25
O4 SO4 F . -12.11 -2.55 18.44
S SO4 G . -10.30 9.49 13.17
O1 SO4 G . -10.10 9.15 11.75
O2 SO4 G . -9.76 8.41 14.02
O3 SO4 G . -9.60 10.76 13.48
O4 SO4 G . -11.75 9.66 13.45
#